data_6JPT
#
_entry.id   6JPT
#
_cell.length_a   71.229
_cell.length_b   71.229
_cell.length_c   47.074
_cell.angle_alpha   90.00
_cell.angle_beta   90.00
_cell.angle_gamma   120.00
#
_symmetry.space_group_name_H-M   'P 31 2 1'
#
loop_
_entity.id
_entity.type
_entity.pdbx_description
1 polymer 'Proteasome assembly chaperone 3'
2 non-polymer 'THIOCYANATE ION'
3 non-polymer 'POTASSIUM ION'
4 water water
#
_entity_poly.entity_id   1
_entity_poly.type   'polypeptide(L)'
_entity_poly.pdbx_seq_one_letter_code
;MEDTPLVISKQKTEVVCGVPTQVVCTAFSSHILVVVTQFGKMGTLVSLEPSSVASDVSKPVLTTKVLLGQDEPLIHVFAK
NLVAFVSQEAGNRAVLLAVAVKDKSMEGLKALREVIRVCQVW
;
_entity_poly.pdbx_strand_id   A
#
loop_
_chem_comp.id
_chem_comp.type
_chem_comp.name
_chem_comp.formula
K non-polymer 'POTASSIUM ION' 'K 1'
SCN non-polymer 'THIOCYANATE ION' 'C N S -1'
#
# COMPACT_ATOMS: atom_id res chain seq x y z
N GLU A 2 28.76 -4.80 7.94
CA GLU A 2 28.05 -3.57 8.22
C GLU A 2 27.36 -3.02 6.97
N ASP A 3 26.38 -2.15 7.17
CA ASP A 3 25.62 -1.58 6.08
C ASP A 3 24.89 -0.34 6.58
N THR A 4 24.66 0.60 5.67
CA THR A 4 23.89 1.82 5.93
C THR A 4 22.92 1.99 4.78
N PRO A 5 21.62 1.83 5.00
CA PRO A 5 20.66 2.09 3.94
C PRO A 5 20.69 3.55 3.48
N LEU A 6 20.32 3.76 2.22
CA LEU A 6 20.06 5.09 1.66
C LEU A 6 18.60 5.51 1.74
N VAL A 7 17.69 4.54 1.87
CA VAL A 7 16.27 4.80 2.01
C VAL A 7 15.77 4.08 3.26
N ILE A 8 14.79 4.67 3.90
CA ILE A 8 14.20 4.11 5.11
C ILE A 8 13.24 2.99 4.74
N SER A 9 13.39 1.83 5.36
CA SER A 9 12.46 0.74 5.22
CA SER A 9 12.42 0.77 5.23
CA SER A 9 12.47 0.70 5.22
C SER A 9 12.17 0.15 6.59
N LYS A 10 10.94 -0.35 6.75
CA LYS A 10 10.52 -1.03 7.97
C LYS A 10 9.63 -2.19 7.56
N GLN A 11 9.74 -3.30 8.26
CA GLN A 11 8.91 -4.45 7.99
C GLN A 11 8.41 -5.08 9.27
N LYS A 12 7.34 -5.86 9.12
CA LYS A 12 6.71 -6.54 10.24
C LYS A 12 5.91 -7.71 9.72
N THR A 13 6.05 -8.87 10.35
CA THR A 13 5.16 -10.00 10.11
C THR A 13 4.13 -10.06 11.23
N GLU A 14 2.86 -10.10 10.86
CA GLU A 14 1.77 -10.11 11.82
C GLU A 14 0.70 -11.05 11.30
N VAL A 15 -0.04 -11.69 12.19
CA VAL A 15 -1.19 -12.48 11.76
C VAL A 15 -2.37 -11.53 11.56
N VAL A 16 -3.04 -11.67 10.42
CA VAL A 16 -4.19 -10.85 10.06
C VAL A 16 -5.31 -11.82 9.71
N CYS A 17 -6.36 -11.85 10.53
CA CYS A 17 -7.47 -12.76 10.33
C CYS A 17 -6.97 -14.19 10.09
N GLY A 18 -6.06 -14.63 10.95
CA GLY A 18 -5.54 -15.98 10.90
C GLY A 18 -4.40 -16.23 9.93
N VAL A 19 -4.08 -15.27 9.07
CA VAL A 19 -3.08 -15.48 8.01
C VAL A 19 -1.81 -14.72 8.38
N PRO A 20 -0.68 -15.39 8.53
CA PRO A 20 0.60 -14.68 8.65
C PRO A 20 0.82 -13.80 7.43
N THR A 21 1.16 -12.54 7.68
CA THR A 21 1.27 -11.53 6.64
C THR A 21 2.52 -10.71 6.89
N GLN A 22 3.35 -10.54 5.88
CA GLN A 22 4.50 -9.64 6.00
C GLN A 22 4.21 -8.34 5.29
N VAL A 23 4.45 -7.23 5.98
CA VAL A 23 4.35 -5.90 5.42
C VAL A 23 5.75 -5.28 5.39
N VAL A 24 6.06 -4.62 4.28
CA VAL A 24 7.30 -3.84 4.15
C VAL A 24 6.91 -2.49 3.58
N CYS A 25 7.43 -1.41 4.17
CA CYS A 25 7.26 -0.08 3.62
C CYS A 25 8.64 0.51 3.39
N THR A 26 8.84 1.14 2.23
CA THR A 26 10.11 1.77 1.88
C THR A 26 9.82 3.15 1.34
N ALA A 27 10.52 4.15 1.86
CA ALA A 27 10.30 5.55 1.48
C ALA A 27 11.31 5.98 0.43
N PHE A 28 10.82 6.24 -0.77
CA PHE A 28 11.60 6.91 -1.80
C PHE A 28 11.12 8.37 -1.89
N SER A 29 11.89 9.19 -2.60
CA SER A 29 11.61 10.62 -2.59
C SER A 29 10.24 10.92 -3.18
N SER A 30 9.81 10.17 -4.19
CA SER A 30 8.52 10.44 -4.79
C SER A 30 7.54 9.26 -4.75
N HIS A 31 7.85 8.19 -4.02
CA HIS A 31 6.96 7.04 -3.89
C HIS A 31 7.16 6.40 -2.54
N ILE A 32 6.08 5.87 -1.96
CA ILE A 32 6.19 4.87 -0.91
C ILE A 32 5.89 3.51 -1.55
N LEU A 33 6.81 2.56 -1.37
CA LEU A 33 6.60 1.19 -1.80
C LEU A 33 6.05 0.42 -0.59
N VAL A 34 4.87 -0.19 -0.76
CA VAL A 34 4.22 -0.96 0.29
C VAL A 34 4.03 -2.38 -0.24
N VAL A 35 4.59 -3.35 0.46
CA VAL A 35 4.44 -4.78 0.15
C VAL A 35 3.59 -5.39 1.25
N VAL A 36 2.56 -6.13 0.86
CA VAL A 36 1.69 -6.86 1.79
C VAL A 36 1.59 -8.28 1.23
N THR A 37 2.32 -9.22 1.83
CA THR A 37 2.48 -10.56 1.24
C THR A 37 2.01 -11.67 2.18
N GLN A 38 1.15 -12.54 1.65
CA GLN A 38 0.73 -13.78 2.28
C GLN A 38 1.15 -14.95 1.41
N PHE A 39 1.52 -16.06 2.05
CA PHE A 39 1.85 -17.31 1.37
C PHE A 39 3.00 -17.17 0.39
N GLY A 40 3.89 -16.22 0.65
CA GLY A 40 5.09 -16.06 -0.14
C GLY A 40 4.90 -15.42 -1.49
N LYS A 41 3.70 -14.94 -1.81
CA LYS A 41 3.36 -14.46 -3.14
C LYS A 41 3.50 -12.94 -3.23
N MET A 42 3.91 -12.47 -4.41
CA MET A 42 3.98 -11.03 -4.61
C MET A 42 2.59 -10.46 -4.85
N GLY A 43 1.70 -11.21 -5.49
CA GLY A 43 0.33 -10.75 -5.71
C GLY A 43 0.22 -9.71 -6.82
N THR A 44 -0.72 -8.80 -6.62
CA THR A 44 -1.08 -7.80 -7.62
C THR A 44 -0.32 -6.52 -7.34
N LEU A 45 0.23 -5.92 -8.38
CA LEU A 45 0.96 -4.68 -8.27
C LEU A 45 0.06 -3.55 -8.75
N VAL A 46 -0.16 -2.56 -7.88
CA VAL A 46 -1.07 -1.45 -8.13
C VAL A 46 -0.32 -0.15 -7.93
N SER A 47 -0.36 0.73 -8.92
CA SER A 47 0.10 2.09 -8.77
CA SER A 47 0.11 2.08 -8.68
C SER A 47 -1.06 2.96 -8.29
N LEU A 48 -0.82 3.80 -7.30
CA LEU A 48 -1.78 4.77 -6.80
C LEU A 48 -1.14 6.15 -6.94
N GLU A 49 -1.64 6.92 -7.88
CA GLU A 49 -1.00 8.17 -8.30
C GLU A 49 -1.93 9.34 -8.00
N PRO A 50 -1.54 10.29 -7.16
CA PRO A 50 -2.33 11.52 -7.00
C PRO A 50 -2.46 12.22 -8.35
N SER A 51 -3.68 12.60 -8.69
CA SER A 51 -3.98 13.08 -10.02
CA SER A 51 -4.03 13.04 -10.02
C SER A 51 -4.98 14.22 -9.96
N SER A 52 -5.29 14.76 -11.13
CA SER A 52 -6.15 15.92 -11.27
C SER A 52 -7.45 15.76 -10.49
N VAL A 53 -7.88 16.84 -9.85
CA VAL A 53 -9.13 16.80 -9.09
C VAL A 53 -10.31 16.45 -9.98
N ALA A 54 -11.29 15.79 -9.37
CA ALA A 54 -12.59 15.58 -9.97
C ALA A 54 -13.54 16.59 -9.34
N SER A 55 -14.67 16.15 -8.80
CA SER A 55 -15.65 17.12 -8.32
C SER A 55 -15.20 17.81 -7.03
N ASP A 56 -14.47 17.12 -6.16
CA ASP A 56 -13.99 17.70 -4.90
C ASP A 56 -12.63 18.33 -5.14
N VAL A 57 -12.54 19.66 -5.09
CA VAL A 57 -11.27 20.33 -5.37
C VAL A 57 -10.35 20.39 -4.15
N SER A 58 -10.74 19.79 -3.02
CA SER A 58 -9.92 19.93 -1.83
C SER A 58 -8.71 19.00 -1.84
N LYS A 59 -8.76 17.90 -2.58
CA LYS A 59 -7.73 16.87 -2.48
C LYS A 59 -7.54 16.20 -3.84
N PRO A 60 -6.34 15.71 -4.15
CA PRO A 60 -6.15 15.01 -5.42
C PRO A 60 -6.96 13.74 -5.51
N VAL A 61 -7.27 13.33 -6.73
CA VAL A 61 -7.81 12.00 -6.96
C VAL A 61 -6.68 10.98 -6.86
N LEU A 62 -6.92 9.85 -6.23
CA LEU A 62 -5.93 8.79 -6.17
C LEU A 62 -6.31 7.80 -7.27
N THR A 63 -5.62 7.89 -8.40
CA THR A 63 -5.88 7.04 -9.55
C THR A 63 -5.13 5.73 -9.44
N THR A 64 -5.83 4.64 -9.66
CA THR A 64 -5.26 3.32 -9.55
C THR A 64 -5.06 2.68 -10.92
N LYS A 65 -3.98 1.93 -11.04
CA LYS A 65 -3.69 1.15 -12.24
C LYS A 65 -3.11 -0.19 -11.79
N VAL A 66 -3.66 -1.29 -12.30
CA VAL A 66 -3.08 -2.60 -12.06
C VAL A 66 -1.96 -2.79 -13.07
N LEU A 67 -0.75 -2.96 -12.55
CA LEU A 67 0.45 -3.06 -13.36
C LEU A 67 0.85 -4.50 -13.63
N LEU A 68 0.58 -5.41 -12.70
CA LEU A 68 0.88 -6.83 -12.79
C LEU A 68 -0.20 -7.56 -12.02
N GLY A 69 -0.60 -8.72 -12.50
CA GLY A 69 -1.69 -9.47 -11.89
C GLY A 69 -3.02 -9.18 -12.58
N GLN A 70 -4.07 -9.83 -12.08
CA GLN A 70 -5.37 -9.70 -12.72
C GLN A 70 -5.95 -8.31 -12.47
N ASP A 71 -6.34 -7.66 -13.54
CA ASP A 71 -6.98 -6.35 -13.44
C ASP A 71 -8.47 -6.60 -13.28
N GLU A 72 -8.94 -6.54 -12.06
CA GLU A 72 -10.35 -6.70 -11.75
C GLU A 72 -10.75 -5.61 -10.77
N PRO A 73 -12.03 -5.27 -10.72
CA PRO A 73 -12.40 -3.98 -10.14
C PRO A 73 -12.22 -3.89 -8.64
N LEU A 74 -12.36 -4.99 -7.90
CA LEU A 74 -12.31 -4.88 -6.45
C LEU A 74 -10.93 -4.43 -5.98
N ILE A 75 -9.86 -4.91 -6.61
CA ILE A 75 -8.53 -4.61 -6.10
C ILE A 75 -8.23 -3.13 -6.20
N HIS A 76 -8.79 -2.44 -7.19
CA HIS A 76 -8.60 -1.00 -7.26
C HIS A 76 -9.15 -0.32 -6.00
N VAL A 77 -10.38 -0.70 -5.64
CA VAL A 77 -11.09 -0.09 -4.51
C VAL A 77 -10.42 -0.45 -3.20
N PHE A 78 -10.10 -1.73 -3.03
CA PHE A 78 -9.42 -2.22 -1.84
C PHE A 78 -8.08 -1.55 -1.66
N ALA A 79 -7.32 -1.43 -2.74
CA ALA A 79 -6.01 -0.79 -2.65
C ALA A 79 -6.15 0.64 -2.15
N LYS A 80 -7.13 1.38 -2.68
CA LYS A 80 -7.33 2.76 -2.24
C LYS A 80 -7.64 2.82 -0.75
N ASN A 81 -8.50 1.93 -0.26
CA ASN A 81 -8.81 1.97 1.16
C ASN A 81 -7.66 1.47 2.02
N LEU A 82 -6.77 0.64 1.46
CA LEU A 82 -5.64 0.13 2.22
C LEU A 82 -4.54 1.18 2.39
N VAL A 83 -4.24 1.98 1.34
CA VAL A 83 -3.07 2.84 1.38
C VAL A 83 -3.32 4.30 1.05
N ALA A 84 -4.57 4.74 0.87
CA ALA A 84 -4.76 6.18 0.68
C ALA A 84 -4.14 6.97 1.82
N PHE A 85 -4.24 6.47 3.06
CA PHE A 85 -3.69 7.21 4.18
C PHE A 85 -2.18 7.37 4.07
N VAL A 86 -1.51 6.37 3.50
CA VAL A 86 -0.07 6.46 3.28
C VAL A 86 0.24 7.59 2.33
N SER A 87 -0.45 7.61 1.18
CA SER A 87 -0.24 8.66 0.21
C SER A 87 -0.46 10.03 0.84
N GLN A 88 -1.57 10.19 1.55
CA GLN A 88 -1.91 11.47 2.15
C GLN A 88 -0.87 11.90 3.18
N GLU A 89 -0.55 11.01 4.11
CA GLU A 89 0.37 11.37 5.20
C GLU A 89 1.78 11.62 4.70
N ALA A 90 2.16 11.00 3.59
CA ALA A 90 3.48 11.14 3.02
C ALA A 90 3.58 12.34 2.10
N GLY A 91 2.62 13.26 2.18
CA GLY A 91 2.65 14.47 1.37
C GLY A 91 2.02 14.28 0.02
N ASN A 92 0.90 13.56 -0.04
CA ASN A 92 0.24 13.23 -1.29
C ASN A 92 1.25 12.62 -2.27
N ARG A 93 1.95 11.61 -1.79
CA ARG A 93 2.97 10.93 -2.55
C ARG A 93 2.35 9.75 -3.26
N ALA A 94 2.89 9.39 -4.42
CA ALA A 94 2.46 8.17 -5.08
C ALA A 94 2.82 6.96 -4.21
N VAL A 95 2.00 5.92 -4.34
CA VAL A 95 2.24 4.67 -3.66
C VAL A 95 2.30 3.57 -4.70
N LEU A 96 3.27 2.68 -4.57
CA LEU A 96 3.34 1.45 -5.33
C LEU A 96 3.06 0.32 -4.34
N LEU A 97 1.97 -0.42 -4.58
CA LEU A 97 1.50 -1.46 -3.68
C LEU A 97 1.62 -2.82 -4.34
N ALA A 98 2.28 -3.75 -3.67
CA ALA A 98 2.22 -5.17 -4.02
C ALA A 98 1.37 -5.83 -2.96
N VAL A 99 0.24 -6.40 -3.35
CA VAL A 99 -0.72 -6.91 -2.39
C VAL A 99 -1.15 -8.33 -2.76
N ALA A 100 -0.91 -9.26 -1.84
CA ALA A 100 -1.22 -10.68 -2.00
C ALA A 100 -2.08 -11.11 -0.81
N VAL A 101 -3.36 -10.78 -0.88
CA VAL A 101 -4.34 -11.05 0.17
C VAL A 101 -5.60 -11.58 -0.52
N LYS A 102 -5.79 -12.88 -0.53
CA LYS A 102 -6.88 -13.45 -1.29
C LYS A 102 -8.25 -13.25 -0.65
N ASP A 103 -8.34 -13.30 0.67
CA ASP A 103 -9.62 -13.34 1.36
C ASP A 103 -9.80 -12.05 2.18
N LYS A 104 -10.57 -11.10 1.64
CA LYS A 104 -10.65 -9.73 2.13
C LYS A 104 -11.88 -9.50 2.99
N SER A 105 -11.75 -8.60 3.95
CA SER A 105 -12.85 -8.24 4.85
C SER A 105 -12.54 -6.88 5.46
N MET A 106 -13.56 -6.26 6.06
CA MET A 106 -13.34 -4.98 6.75
C MET A 106 -12.42 -5.19 7.95
N GLU A 107 -12.64 -6.26 8.71
CA GLU A 107 -11.77 -6.53 9.85
C GLU A 107 -10.33 -6.68 9.39
N GLY A 108 -10.12 -7.44 8.31
CA GLY A 108 -8.78 -7.63 7.80
C GLY A 108 -8.16 -6.35 7.26
N LEU A 109 -8.95 -5.55 6.55
CA LEU A 109 -8.49 -4.28 6.04
C LEU A 109 -7.99 -3.37 7.17
N LYS A 110 -8.78 -3.25 8.23
CA LYS A 110 -8.35 -2.44 9.37
C LYS A 110 -7.08 -2.99 9.97
N ALA A 111 -6.99 -4.31 10.13
CA ALA A 111 -5.80 -4.93 10.72
C ALA A 111 -4.56 -4.72 9.83
N LEU A 112 -4.73 -4.80 8.51
CA LEU A 112 -3.60 -4.54 7.61
C LEU A 112 -3.15 -3.11 7.73
N ARG A 113 -4.08 -2.15 7.79
CA ARG A 113 -3.69 -0.75 7.94
C ARG A 113 -2.92 -0.55 9.24
N GLU A 114 -3.29 -1.27 10.31
CA GLU A 114 -2.54 -1.15 11.55
C GLU A 114 -1.10 -1.64 11.38
N VAL A 115 -0.88 -2.71 10.61
CA VAL A 115 0.49 -3.17 10.39
C VAL A 115 1.27 -2.17 9.56
N ILE A 116 0.63 -1.62 8.52
CA ILE A 116 1.27 -0.58 7.72
C ILE A 116 1.68 0.60 8.59
N ARG A 117 0.81 1.00 9.53
CA ARG A 117 1.14 2.05 10.49
C ARG A 117 2.37 1.70 11.33
N VAL A 118 2.47 0.45 11.81
CA VAL A 118 3.66 0.02 12.54
C VAL A 118 4.91 0.19 11.70
N CYS A 119 4.78 0.04 10.38
CA CYS A 119 5.87 0.16 9.42
C CYS A 119 5.97 1.57 8.82
N GLN A 120 5.46 2.58 9.50
CA GLN A 120 5.50 3.93 8.96
C GLN A 120 6.94 4.38 8.71
N VAL A 121 7.18 4.92 7.51
CA VAL A 121 8.49 5.41 7.08
C VAL A 121 8.38 6.80 6.48
N TRP A 122 7.27 7.48 6.75
CA TRP A 122 6.99 8.83 6.25
C TRP A 122 6.58 9.71 7.42
S SCN B . -13.15 -3.02 -1.06
C SCN B . -12.84 -2.04 0.30
N SCN B . -12.81 -1.32 1.21
K K C . -2.19 -13.74 -3.55
#